data_4WLC
#
_entry.id   4WLC
#
_cell.length_a   72.989
_cell.length_b   83.736
_cell.length_c   103.790
_cell.angle_alpha   90.00
_cell.angle_beta   90.00
_cell.angle_gamma   90.00
#
_symmetry.space_group_name_H-M   'P 21 21 21'
#
loop_
_entity.id
_entity.type
_entity.pdbx_description
1 polymer 'Glucan 1,6-alpha-glucosidase'
2 non-polymer beta-D-glucopyranose
3 non-polymer GLYCEROL
4 non-polymer 'CALCIUM ION'
5 water water
#
_entity_poly.entity_id   1
_entity_poly.type   'polypeptide(L)'
_entity_poly.pdbx_seq_one_letter_code
;MQKHWWHKATVYQIYPKSFMDTNGDGIGDLKGITSKLDYLQKLGVMAIWLSPVYDSPMDDNGYDIANYEAIADIFGNMAD
MDNLLTQAKMRGIKIIMDLVVNHTSDEHAWFIEAREHPDSSERDYYIWCDQPNDLESIFGGSAWQYDDKSDQYYLHFFSK
KQPDLNWENANLRQKIYDMMNFWIDKGIGGFRMDVIDMIGKIPAQHIVSNGPKLHAYLKEMNAASFGQHDLLTVGQTWGA
TPEIAKQYSNPVNHELSMVFQFEHIGLQHKPEAPKWDYVKELNVPALKTIFNKWQTELELGQGWNSLFWNNHDLPRVLSI
WGNTGKYREKSAKALAILLHLMRGTPYIYQGEEIGMTNYPFKDLNELDDIESLNYAKEAFTNGKSMETIMDSIRMIGRDN
ARTPMQWDASQNAGFSTADKTWLPVNPNYKDINVQAALKNSNSIFYTYQQLIQLRKENDWLVDADFELLPTADKVFAYLR
KVREERYLIVVNVSDQEEVLEIDVDKQETLISNTNESAALANHKLQPWDAFCIKIL
;
_entity_poly.pdbx_strand_id   A
#
# COMPACT_ATOMS: atom_id res chain seq x y z
N MET A 1 22.96 15.17 3.72
CA MET A 1 22.22 14.32 2.79
C MET A 1 21.72 15.13 1.60
N GLN A 2 21.68 14.50 0.42
CA GLN A 2 21.18 15.17 -0.77
C GLN A 2 19.73 14.76 -1.05
N LYS A 3 18.85 15.75 -1.01
CA LYS A 3 17.42 15.52 -1.14
C LYS A 3 16.99 15.24 -2.57
N HIS A 4 15.82 14.62 -2.72
CA HIS A 4 15.20 14.43 -4.03
C HIS A 4 13.80 15.01 -3.99
N TRP A 5 13.15 15.10 -5.15
CA TRP A 5 11.80 15.65 -5.23
C TRP A 5 10.82 14.86 -4.35
N TRP A 6 11.01 13.55 -4.26
CA TRP A 6 10.08 12.69 -3.53
C TRP A 6 10.33 12.70 -2.03
N HIS A 7 11.35 13.42 -1.59
CA HIS A 7 11.62 13.55 -0.16
C HIS A 7 10.59 14.44 0.53
N LYS A 8 9.82 15.19 -0.25
CA LYS A 8 8.77 16.04 0.29
C LYS A 8 7.40 15.63 -0.25
N ALA A 9 7.38 14.55 -1.01
CA ALA A 9 6.16 14.09 -1.65
C ALA A 9 5.28 13.27 -0.72
N THR A 10 3.98 13.27 -1.01
CA THR A 10 3.05 12.34 -0.39
C THR A 10 2.35 11.55 -1.49
N VAL A 11 2.37 10.23 -1.38
CA VAL A 11 1.85 9.37 -2.44
C VAL A 11 0.40 8.94 -2.19
N TYR A 12 -0.41 9.01 -3.24
CA TYR A 12 -1.81 8.59 -3.19
C TYR A 12 -1.99 7.34 -4.06
N GLN A 13 -2.44 6.25 -3.46
CA GLN A 13 -2.63 5.00 -4.21
C GLN A 13 -4.04 4.86 -4.74
N ILE A 14 -4.16 4.72 -6.06
CA ILE A 14 -5.46 4.52 -6.69
C ILE A 14 -5.66 3.08 -7.14
N TYR A 15 -6.77 2.48 -6.70
CA TYR A 15 -7.18 1.15 -7.15
C TYR A 15 -8.17 1.32 -8.30
N PRO A 16 -7.68 1.22 -9.54
CA PRO A 16 -8.38 1.61 -10.76
C PRO A 16 -9.80 1.07 -10.87
N LYS A 17 -10.01 -0.19 -10.52
CA LYS A 17 -11.33 -0.80 -10.62
C LYS A 17 -12.34 -0.14 -9.68
N SER A 18 -11.85 0.45 -8.60
CA SER A 18 -12.73 0.99 -7.57
C SER A 18 -12.56 2.48 -7.31
N PHE A 19 -12.13 3.23 -8.32
CA PHE A 19 -11.91 4.66 -8.15
C PHE A 19 -13.03 5.49 -8.77
N MET A 20 -13.15 5.43 -10.10
CA MET A 20 -14.19 6.18 -10.79
C MET A 20 -14.57 5.54 -12.13
N ASP A 21 -15.85 5.22 -12.27
CA ASP A 21 -16.36 4.61 -13.49
C ASP A 21 -17.05 5.64 -14.37
N THR A 22 -16.72 5.65 -15.66
CA THR A 22 -17.24 6.67 -16.57
C THR A 22 -17.82 6.09 -17.87
N ASN A 23 -18.32 4.85 -17.81
CA ASN A 23 -19.01 4.28 -18.96
C ASN A 23 -20.13 3.33 -18.52
N GLY A 24 -20.37 3.28 -17.21
CA GLY A 24 -21.50 2.55 -16.67
C GLY A 24 -21.44 1.04 -16.80
N ASP A 25 -20.28 0.46 -16.50
CA ASP A 25 -20.15 -0.99 -16.44
C ASP A 25 -19.83 -1.45 -15.02
N GLY A 26 -19.76 -0.49 -14.11
CA GLY A 26 -19.53 -0.78 -12.70
C GLY A 26 -18.07 -0.97 -12.35
N ILE A 27 -17.18 -0.65 -13.29
CA ILE A 27 -15.74 -0.79 -13.06
C ILE A 27 -15.04 0.53 -13.39
N GLY A 28 -14.09 0.93 -12.55
CA GLY A 28 -13.38 2.20 -12.72
C GLY A 28 -12.55 2.31 -13.99
N ASP A 29 -12.45 3.53 -14.51
CA ASP A 29 -11.74 3.79 -15.76
C ASP A 29 -10.51 4.65 -15.56
N LEU A 30 -9.64 4.69 -16.57
CA LEU A 30 -8.53 5.62 -16.61
C LEU A 30 -9.05 7.05 -16.74
N LYS A 31 -10.08 7.22 -17.56
CA LYS A 31 -10.71 8.52 -17.72
C LYS A 31 -11.34 8.98 -16.41
N GLY A 32 -11.90 8.03 -15.67
CA GLY A 32 -12.43 8.32 -14.35
C GLY A 32 -11.36 8.84 -13.43
N ILE A 33 -10.17 8.28 -13.55
CA ILE A 33 -9.03 8.71 -12.77
C ILE A 33 -8.59 10.11 -13.17
N THR A 34 -8.52 10.36 -14.47
CA THR A 34 -8.11 11.65 -15.00
C THR A 34 -9.10 12.75 -14.63
N SER A 35 -10.36 12.37 -14.45
CA SER A 35 -11.42 13.34 -14.16
C SER A 35 -11.39 13.83 -12.72
N LYS A 36 -10.50 13.28 -11.90
CA LYS A 36 -10.43 13.64 -10.49
C LYS A 36 -9.06 14.17 -10.09
N LEU A 37 -8.24 14.49 -11.10
CA LEU A 37 -6.90 14.99 -10.86
C LEU A 37 -6.93 16.37 -10.20
N ASP A 38 -8.01 17.12 -10.42
CA ASP A 38 -8.18 18.40 -9.74
C ASP A 38 -8.41 18.18 -8.25
N TYR A 39 -9.19 17.15 -7.93
CA TYR A 39 -9.43 16.79 -6.54
C TYR A 39 -8.13 16.34 -5.87
N LEU A 40 -7.37 15.51 -6.58
CA LEU A 40 -6.12 15.00 -6.04
C LEU A 40 -5.08 16.11 -5.88
N GLN A 41 -5.10 17.08 -6.80
CA GLN A 41 -4.21 18.22 -6.72
C GLN A 41 -4.59 19.11 -5.55
N LYS A 42 -5.89 19.28 -5.34
CA LYS A 42 -6.41 20.02 -4.20
C LYS A 42 -5.98 19.35 -2.90
N LEU A 43 -5.95 18.02 -2.90
CA LEU A 43 -5.49 17.26 -1.74
C LEU A 43 -4.02 17.56 -1.47
N GLY A 44 -3.25 17.74 -2.53
CA GLY A 44 -1.86 18.14 -2.41
C GLY A 44 -0.87 17.02 -2.62
N VAL A 45 -1.36 15.86 -3.05
CA VAL A 45 -0.47 14.73 -3.32
C VAL A 45 0.44 15.05 -4.50
N MET A 46 1.62 14.43 -4.50
CA MET A 46 2.64 14.73 -5.50
C MET A 46 2.80 13.57 -6.48
N ALA A 47 2.49 12.36 -6.00
CA ALA A 47 2.63 11.17 -6.81
C ALA A 47 1.42 10.25 -6.67
N ILE A 48 1.03 9.63 -7.77
CA ILE A 48 -0.07 8.67 -7.76
C ILE A 48 0.42 7.24 -7.99
N TRP A 49 0.21 6.39 -7.00
CA TRP A 49 0.44 4.95 -7.14
C TRP A 49 -0.74 4.36 -7.90
N LEU A 50 -0.49 3.95 -9.13
CA LEU A 50 -1.54 3.37 -9.96
C LEU A 50 -1.44 1.84 -9.95
N SER A 51 -2.35 1.19 -9.23
CA SER A 51 -2.44 -0.26 -9.23
C SER A 51 -2.65 -0.76 -10.66
N PRO A 52 -2.14 -1.96 -10.99
CA PRO A 52 -2.06 -2.52 -12.35
C PRO A 52 -3.25 -2.21 -13.25
N VAL A 53 -2.95 -1.68 -14.43
CA VAL A 53 -3.95 -1.38 -15.45
C VAL A 53 -3.62 -2.11 -16.74
N TYR A 54 -2.68 -3.05 -16.63
CA TYR A 54 -2.22 -3.81 -17.80
C TYR A 54 -3.23 -4.88 -18.20
N ASP A 55 -2.99 -5.51 -19.35
CA ASP A 55 -3.82 -6.62 -19.80
C ASP A 55 -3.77 -7.76 -18.80
N SER A 56 -4.94 -8.20 -18.35
CA SER A 56 -5.01 -9.23 -17.31
C SER A 56 -6.36 -9.96 -17.31
N PRO A 57 -6.33 -11.27 -17.05
CA PRO A 57 -7.55 -12.06 -16.90
C PRO A 57 -8.25 -11.74 -15.58
N MET A 58 -7.60 -10.91 -14.77
CA MET A 58 -8.13 -10.42 -13.49
C MET A 58 -8.35 -11.55 -12.48
N ASP A 59 -7.57 -12.62 -12.62
CA ASP A 59 -7.61 -13.71 -11.64
C ASP A 59 -7.19 -13.18 -10.28
N ASP A 60 -6.12 -12.39 -10.26
CA ASP A 60 -5.71 -11.67 -9.06
C ASP A 60 -5.87 -10.17 -9.33
N ASN A 61 -6.94 -9.84 -10.05
CA ASN A 61 -7.34 -8.46 -10.35
C ASN A 61 -6.19 -7.54 -10.77
N GLY A 62 -5.56 -7.87 -11.89
CA GLY A 62 -4.54 -7.01 -12.45
C GLY A 62 -3.12 -7.42 -12.11
N TYR A 63 -2.97 -8.19 -11.04
CA TYR A 63 -1.64 -8.62 -10.61
C TYR A 63 -1.24 -9.94 -11.27
N ASP A 64 -2.12 -10.45 -12.12
CA ASP A 64 -1.77 -11.51 -13.06
C ASP A 64 -1.69 -10.88 -14.45
N ILE A 65 -0.52 -10.35 -14.78
CA ILE A 65 -0.36 -9.55 -15.99
C ILE A 65 -0.11 -10.41 -17.23
N ALA A 66 -0.96 -10.23 -18.23
CA ALA A 66 -0.84 -10.96 -19.49
C ALA A 66 -0.02 -10.18 -20.53
N ASN A 67 0.03 -8.87 -20.36
CA ASN A 67 0.88 -8.02 -21.20
C ASN A 67 1.27 -6.72 -20.48
N TYR A 68 2.56 -6.55 -20.25
CA TYR A 68 3.09 -5.41 -19.54
C TYR A 68 2.98 -4.09 -20.31
N GLU A 69 2.81 -4.18 -21.63
CA GLU A 69 2.86 -2.99 -22.47
C GLU A 69 1.53 -2.71 -23.17
N ALA A 70 0.46 -3.32 -22.67
CA ALA A 70 -0.87 -3.06 -23.19
C ALA A 70 -1.83 -2.75 -22.06
N ILE A 71 -2.74 -1.81 -22.31
CA ILE A 71 -3.74 -1.44 -21.32
C ILE A 71 -4.97 -2.35 -21.45
N ALA A 72 -5.41 -2.91 -20.34
CA ALA A 72 -6.64 -3.69 -20.32
C ALA A 72 -7.79 -2.84 -20.85
N ASP A 73 -8.59 -3.41 -21.73
CA ASP A 73 -9.66 -2.67 -22.39
C ASP A 73 -10.78 -2.32 -21.42
N ILE A 74 -10.70 -2.86 -20.20
CA ILE A 74 -11.67 -2.54 -19.17
C ILE A 74 -11.31 -1.20 -18.51
N PHE A 75 -10.09 -0.74 -18.78
CA PHE A 75 -9.61 0.54 -18.26
C PHE A 75 -9.43 1.55 -19.40
N GLY A 76 -9.70 1.12 -20.63
CA GLY A 76 -9.52 1.97 -21.79
C GLY A 76 -8.32 1.51 -22.60
N ASN A 77 -7.73 2.44 -23.35
CA ASN A 77 -6.55 2.11 -24.16
C ASN A 77 -5.32 2.93 -23.74
N MET A 78 -4.26 2.81 -24.52
CA MET A 78 -3.00 3.49 -24.20
C MET A 78 -3.14 5.00 -24.29
N ALA A 79 -4.04 5.46 -25.15
CA ALA A 79 -4.31 6.88 -25.30
C ALA A 79 -4.83 7.46 -23.98
N ASP A 80 -5.66 6.70 -23.29
CA ASP A 80 -6.19 7.10 -22.00
C ASP A 80 -5.07 7.19 -20.96
N MET A 81 -4.15 6.23 -21.02
CA MET A 81 -3.00 6.20 -20.12
C MET A 81 -2.13 7.43 -20.31
N ASP A 82 -1.74 7.68 -21.56
CA ASP A 82 -0.91 8.84 -21.91
C ASP A 82 -1.60 10.14 -21.52
N ASN A 83 -2.92 10.21 -21.75
CA ASN A 83 -3.68 11.38 -21.37
C ASN A 83 -3.68 11.59 -19.86
N LEU A 84 -3.77 10.49 -19.11
CA LEU A 84 -3.71 10.56 -17.65
C LEU A 84 -2.37 11.11 -17.20
N LEU A 85 -1.30 10.55 -17.78
CA LEU A 85 0.05 11.03 -17.52
C LEU A 85 0.18 12.53 -17.77
N THR A 86 -0.32 12.96 -18.92
CA THR A 86 -0.24 14.35 -19.34
C THR A 86 -1.00 15.29 -18.41
N GLN A 87 -2.25 14.95 -18.14
CA GLN A 87 -3.10 15.79 -17.30
C GLN A 87 -2.59 15.84 -15.86
N ALA A 88 -2.01 14.74 -15.39
CA ALA A 88 -1.45 14.70 -14.05
C ALA A 88 -0.17 15.53 -13.98
N LYS A 89 0.63 15.44 -15.04
CA LYS A 89 1.87 16.21 -15.15
C LYS A 89 1.57 17.71 -15.15
N MET A 90 0.56 18.10 -15.91
CA MET A 90 0.14 19.50 -15.98
C MET A 90 -0.32 20.03 -14.62
N ARG A 91 -0.72 19.13 -13.74
CA ARG A 91 -1.16 19.50 -12.40
C ARG A 91 -0.12 19.15 -11.34
N GLY A 92 1.12 18.96 -11.78
CA GLY A 92 2.23 18.69 -10.87
C GLY A 92 2.10 17.38 -10.12
N ILE A 93 1.64 16.34 -10.81
CA ILE A 93 1.47 15.03 -10.22
C ILE A 93 2.09 13.95 -11.09
N LYS A 94 3.05 13.21 -10.53
CA LYS A 94 3.70 12.14 -11.26
C LYS A 94 2.97 10.81 -11.04
N ILE A 95 2.98 9.95 -12.05
CA ILE A 95 2.33 8.66 -11.95
C ILE A 95 3.35 7.56 -11.66
N ILE A 96 3.13 6.82 -10.58
CA ILE A 96 4.01 5.71 -10.22
C ILE A 96 3.37 4.38 -10.60
N MET A 97 4.00 3.67 -11.54
CA MET A 97 3.45 2.42 -12.04
C MET A 97 3.69 1.27 -11.08
N ASP A 98 2.62 0.55 -10.76
CA ASP A 98 2.72 -0.67 -9.96
C ASP A 98 3.22 -1.78 -10.86
N LEU A 99 4.23 -2.51 -10.39
CA LEU A 99 4.88 -3.49 -11.23
C LEU A 99 5.11 -4.82 -10.53
N VAL A 100 4.64 -5.89 -11.15
CA VAL A 100 4.85 -7.25 -10.65
C VAL A 100 5.72 -8.02 -11.64
N VAL A 101 6.91 -8.41 -11.19
CA VAL A 101 7.89 -9.02 -12.08
C VAL A 101 8.39 -10.37 -11.55
N ASN A 102 7.81 -10.81 -10.43
CA ASN A 102 8.14 -12.12 -9.87
C ASN A 102 7.39 -13.22 -10.62
N HIS A 103 6.31 -12.83 -11.28
CA HIS A 103 5.42 -13.77 -11.93
C HIS A 103 4.49 -13.05 -12.91
N THR A 104 4.02 -13.78 -13.92
CA THR A 104 3.10 -13.23 -14.90
C THR A 104 1.79 -14.00 -14.89
N SER A 105 0.86 -13.59 -15.74
CA SER A 105 -0.35 -14.37 -15.98
C SER A 105 0.01 -15.61 -16.77
N ASP A 106 -0.83 -16.64 -16.70
CA ASP A 106 -0.62 -17.86 -17.45
C ASP A 106 -1.16 -17.69 -18.88
N GLU A 107 -1.77 -16.54 -19.14
CA GLU A 107 -2.25 -16.19 -20.47
C GLU A 107 -1.31 -15.20 -21.13
N HIS A 108 -0.17 -14.96 -20.48
CA HIS A 108 0.90 -14.14 -21.04
C HIS A 108 1.57 -14.90 -22.18
N ALA A 109 1.99 -14.17 -23.20
CA ALA A 109 2.57 -14.77 -24.40
C ALA A 109 3.78 -15.66 -24.09
N TRP A 110 4.60 -15.22 -23.14
CA TRP A 110 5.77 -15.98 -22.72
C TRP A 110 5.38 -17.39 -22.26
N PHE A 111 4.37 -17.46 -21.41
CA PHE A 111 3.95 -18.73 -20.83
C PHE A 111 3.24 -19.60 -21.86
N ILE A 112 2.41 -18.96 -22.69
CA ILE A 112 1.73 -19.66 -23.78
C ILE A 112 2.73 -20.34 -24.69
N GLU A 113 3.75 -19.60 -25.09
CA GLU A 113 4.83 -20.14 -25.92
C GLU A 113 5.64 -21.18 -25.14
N ALA A 114 5.64 -21.05 -23.81
CA ALA A 114 6.43 -21.94 -22.96
C ALA A 114 5.81 -23.32 -22.75
N ARG A 115 4.48 -23.40 -22.61
CA ARG A 115 3.87 -24.72 -22.36
C ARG A 115 3.42 -25.36 -23.65
N GLU A 116 3.11 -24.53 -24.64
CA GLU A 116 3.26 -24.93 -26.04
C GLU A 116 4.78 -25.03 -26.23
N HIS A 117 5.21 -25.54 -27.37
CA HIS A 117 6.60 -25.48 -27.81
C HIS A 117 7.68 -25.52 -26.69
N PRO A 118 7.73 -26.59 -25.88
CA PRO A 118 8.65 -26.60 -24.74
C PRO A 118 10.13 -26.44 -25.12
N ASP A 119 10.41 -26.40 -26.41
CA ASP A 119 11.76 -26.18 -26.92
C ASP A 119 12.03 -24.68 -27.11
N SER A 120 11.03 -23.87 -26.75
CA SER A 120 11.17 -22.41 -26.83
C SER A 120 12.17 -21.90 -25.82
N SER A 121 12.63 -20.67 -26.05
CA SER A 121 13.49 -19.98 -25.09
C SER A 121 12.66 -19.47 -23.93
N GLU A 122 11.38 -19.21 -24.17
CA GLU A 122 10.46 -18.75 -23.14
C GLU A 122 10.22 -19.81 -22.08
N ARG A 123 10.52 -21.06 -22.41
CA ARG A 123 10.39 -22.16 -21.48
C ARG A 123 11.18 -21.90 -20.20
N ASP A 124 12.37 -21.35 -20.37
CA ASP A 124 13.26 -21.09 -19.24
C ASP A 124 12.95 -19.75 -18.58
N TYR A 125 11.93 -19.05 -19.07
CA TYR A 125 11.48 -17.82 -18.40
C TYR A 125 10.77 -18.18 -17.11
N TYR A 126 10.26 -19.41 -17.05
CA TYR A 126 9.51 -19.86 -15.89
C TYR A 126 10.23 -21.01 -15.18
N ILE A 127 9.71 -21.39 -14.02
CA ILE A 127 10.33 -22.42 -13.20
C ILE A 127 9.67 -23.77 -13.42
N TRP A 128 10.36 -24.66 -14.12
CA TRP A 128 9.81 -25.98 -14.42
C TRP A 128 10.53 -27.08 -13.64
N CYS A 129 9.78 -28.11 -13.25
CA CYS A 129 10.29 -29.09 -12.31
C CYS A 129 9.78 -30.50 -12.61
N ASP A 130 10.59 -31.51 -12.27
CA ASP A 130 10.19 -32.91 -12.39
C ASP A 130 9.75 -33.46 -11.05
N GLN A 131 10.58 -33.25 -10.03
CA GLN A 131 10.30 -33.73 -8.68
C GLN A 131 10.03 -32.54 -7.75
N PRO A 132 8.75 -32.17 -7.58
CA PRO A 132 8.36 -31.00 -6.78
C PRO A 132 8.60 -31.20 -5.29
N ASN A 133 8.79 -30.09 -4.57
CA ASN A 133 8.97 -30.14 -3.12
C ASN A 133 7.72 -29.67 -2.37
N ASP A 134 7.86 -29.44 -1.07
CA ASP A 134 6.73 -29.09 -0.23
C ASP A 134 6.42 -27.60 -0.19
N LEU A 135 6.89 -26.86 -1.19
CA LEU A 135 6.58 -25.43 -1.28
C LEU A 135 5.08 -25.22 -1.46
N GLU A 136 4.50 -24.39 -0.62
CA GLU A 136 3.06 -24.10 -0.68
C GLU A 136 2.81 -22.77 -1.36
N SER A 137 1.64 -22.63 -1.97
CA SER A 137 1.23 -21.36 -2.56
C SER A 137 0.61 -20.47 -1.49
N ILE A 138 0.94 -19.17 -1.55
CA ILE A 138 0.41 -18.19 -0.60
C ILE A 138 -1.11 -18.15 -0.64
N PHE A 139 -1.68 -18.46 -1.80
CA PHE A 139 -3.12 -18.54 -1.96
C PHE A 139 -3.62 -19.98 -1.80
N GLY A 140 -2.87 -20.81 -1.09
CA GLY A 140 -3.31 -22.15 -0.76
C GLY A 140 -2.85 -23.21 -1.75
N GLY A 141 -2.77 -24.45 -1.26
CA GLY A 141 -2.34 -25.57 -2.10
C GLY A 141 -0.86 -25.55 -2.37
N SER A 142 -0.41 -26.50 -3.19
CA SER A 142 1.01 -26.59 -3.55
C SER A 142 1.44 -25.42 -4.42
N ALA A 143 2.73 -25.11 -4.40
CA ALA A 143 3.28 -24.05 -5.23
C ALA A 143 3.64 -24.59 -6.61
N TRP A 144 3.48 -25.90 -6.77
CA TRP A 144 3.77 -26.56 -8.03
C TRP A 144 2.49 -27.03 -8.72
N GLN A 145 2.31 -26.61 -9.97
CA GLN A 145 1.15 -27.02 -10.75
C GLN A 145 1.58 -27.94 -11.89
N TYR A 146 1.07 -29.17 -11.87
CA TYR A 146 1.42 -30.14 -12.89
C TYR A 146 0.74 -29.84 -14.22
N ASP A 147 1.53 -29.47 -15.22
CA ASP A 147 1.04 -29.33 -16.57
C ASP A 147 1.16 -30.67 -17.27
N ASP A 148 0.02 -31.25 -17.65
CA ASP A 148 -0.03 -32.57 -18.24
C ASP A 148 0.27 -32.56 -19.74
N LYS A 149 0.34 -31.36 -20.31
CA LYS A 149 0.68 -31.21 -21.72
C LYS A 149 2.18 -31.39 -21.90
N SER A 150 2.96 -30.90 -20.94
CA SER A 150 4.41 -30.99 -20.99
C SER A 150 4.94 -31.94 -19.93
N ASP A 151 4.03 -32.48 -19.13
CA ASP A 151 4.37 -33.40 -18.03
C ASP A 151 5.37 -32.78 -17.07
N GLN A 152 5.11 -31.54 -16.67
CA GLN A 152 6.03 -30.83 -15.77
C GLN A 152 5.32 -29.91 -14.79
N TYR A 153 5.79 -29.91 -13.54
CA TYR A 153 5.29 -28.96 -12.54
C TYR A 153 5.92 -27.59 -12.74
N TYR A 154 5.10 -26.54 -12.79
CA TYR A 154 5.65 -25.19 -12.79
C TYR A 154 5.37 -24.49 -11.47
N LEU A 155 6.26 -23.59 -11.09
CA LEU A 155 6.17 -22.91 -9.80
C LEU A 155 5.19 -21.75 -9.84
N HIS A 156 4.34 -21.66 -8.82
CA HIS A 156 3.49 -20.50 -8.63
C HIS A 156 3.33 -20.26 -7.13
N PHE A 157 3.89 -19.17 -6.63
CA PHE A 157 3.78 -18.84 -5.22
C PHE A 157 2.42 -18.26 -4.91
N PHE A 158 1.71 -17.85 -5.96
CA PHE A 158 0.35 -17.37 -5.82
C PHE A 158 -0.60 -18.29 -6.56
N SER A 159 -1.50 -17.74 -7.37
CA SER A 159 -2.50 -18.56 -8.04
C SER A 159 -1.89 -19.42 -9.13
N LYS A 160 -2.60 -20.46 -9.53
CA LYS A 160 -2.14 -21.36 -10.59
C LYS A 160 -2.09 -20.64 -11.93
N LYS A 161 -2.82 -19.53 -12.03
CA LYS A 161 -2.79 -18.70 -13.23
C LYS A 161 -1.72 -17.61 -13.10
N GLN A 162 -0.82 -17.78 -12.13
CA GLN A 162 0.28 -16.83 -11.92
C GLN A 162 1.63 -17.54 -11.82
N PRO A 163 2.12 -18.10 -12.93
CA PRO A 163 3.41 -18.80 -12.91
C PRO A 163 4.58 -17.87 -12.62
N ASP A 164 5.51 -18.33 -11.78
CA ASP A 164 6.68 -17.54 -11.42
C ASP A 164 7.67 -17.42 -12.57
N LEU A 165 8.25 -16.23 -12.70
CA LEU A 165 9.30 -16.01 -13.69
C LEU A 165 10.64 -16.48 -13.14
N ASN A 166 11.48 -16.99 -14.03
CA ASN A 166 12.81 -17.44 -13.65
C ASN A 166 13.81 -16.29 -13.67
N TRP A 167 14.19 -15.81 -12.50
CA TRP A 167 15.07 -14.66 -12.41
C TRP A 167 16.55 -15.03 -12.45
N GLU A 168 16.82 -16.32 -12.60
CA GLU A 168 18.18 -16.77 -12.84
C GLU A 168 18.49 -16.65 -14.33
N ASN A 169 17.44 -16.44 -15.12
CA ASN A 169 17.56 -16.23 -16.55
C ASN A 169 17.78 -14.76 -16.86
N ALA A 170 19.02 -14.41 -17.20
CA ALA A 170 19.40 -13.01 -17.45
C ALA A 170 18.66 -12.41 -18.63
N ASN A 171 18.20 -13.27 -19.54
CA ASN A 171 17.46 -12.82 -20.72
C ASN A 171 16.04 -12.40 -20.35
N LEU A 172 15.41 -13.17 -19.48
CA LEU A 172 14.12 -12.82 -18.92
C LEU A 172 14.23 -11.47 -18.20
N ARG A 173 15.23 -11.36 -17.32
CA ARG A 173 15.50 -10.12 -16.60
C ARG A 173 15.63 -8.98 -17.59
N GLN A 174 16.36 -9.22 -18.68
CA GLN A 174 16.56 -8.22 -19.71
C GLN A 174 15.25 -7.76 -20.33
N LYS A 175 14.36 -8.71 -20.62
CA LYS A 175 13.07 -8.35 -21.20
C LYS A 175 12.23 -7.53 -20.21
N ILE A 176 12.32 -7.89 -18.94
CA ILE A 176 11.68 -7.14 -17.87
C ILE A 176 12.17 -5.69 -17.87
N TYR A 177 13.49 -5.53 -17.94
CA TYR A 177 14.11 -4.21 -17.96
C TYR A 177 13.70 -3.45 -19.20
N ASP A 178 13.49 -4.17 -20.29
CA ASP A 178 13.04 -3.56 -21.55
C ASP A 178 11.66 -2.95 -21.35
N MET A 179 10.77 -3.71 -20.74
CA MET A 179 9.43 -3.22 -20.43
C MET A 179 9.49 -1.99 -19.49
N MET A 180 10.32 -2.09 -18.46
CA MET A 180 10.47 -1.00 -17.51
C MET A 180 10.94 0.26 -18.19
N ASN A 181 11.92 0.12 -19.08
CA ASN A 181 12.42 1.25 -19.86
C ASN A 181 11.34 1.79 -20.78
N PHE A 182 10.46 0.90 -21.26
CA PHE A 182 9.33 1.31 -22.07
C PHE A 182 8.44 2.27 -21.28
N TRP A 183 8.10 1.90 -20.05
CA TRP A 183 7.25 2.77 -19.24
C TRP A 183 7.97 4.02 -18.78
N ILE A 184 9.27 3.90 -18.51
CA ILE A 184 10.09 5.03 -18.10
C ILE A 184 10.12 6.08 -19.19
N ASP A 185 10.29 5.64 -20.43
CA ASP A 185 10.36 6.54 -21.57
C ASP A 185 9.00 7.14 -21.90
N LYS A 186 7.95 6.64 -21.25
CA LYS A 186 6.62 7.25 -21.36
C LYS A 186 6.47 8.41 -20.37
N GLY A 187 7.50 8.63 -19.56
CA GLY A 187 7.53 9.77 -18.67
C GLY A 187 6.84 9.56 -17.34
N ILE A 188 6.96 8.36 -16.78
CA ILE A 188 6.38 8.06 -15.48
C ILE A 188 7.23 8.72 -14.38
N GLY A 189 6.75 8.63 -13.14
CA GLY A 189 7.45 9.22 -12.01
C GLY A 189 8.22 8.21 -11.19
N GLY A 190 7.97 6.92 -11.43
CA GLY A 190 8.65 5.87 -10.70
C GLY A 190 7.93 4.53 -10.71
N PHE A 191 8.37 3.62 -9.84
CA PHE A 191 7.81 2.28 -9.78
C PHE A 191 7.50 1.83 -8.35
N ARG A 192 6.38 1.12 -8.19
CA ARG A 192 6.16 0.35 -6.97
C ARG A 192 6.45 -1.11 -7.31
N MET A 193 7.53 -1.64 -6.74
CA MET A 193 7.96 -3.00 -7.03
C MET A 193 7.33 -3.98 -6.05
N ASP A 194 6.19 -4.56 -6.44
CA ASP A 194 5.46 -5.47 -5.57
C ASP A 194 6.25 -6.74 -5.34
N VAL A 195 6.33 -7.15 -4.08
CA VAL A 195 6.81 -8.48 -3.71
C VAL A 195 8.30 -8.69 -4.08
N ILE A 196 8.90 -7.62 -4.62
CA ILE A 196 10.27 -7.59 -5.15
C ILE A 196 11.36 -8.30 -4.32
N ASP A 197 11.04 -8.62 -3.07
CA ASP A 197 11.97 -9.36 -2.22
C ASP A 197 12.04 -10.85 -2.61
N MET A 198 11.18 -11.25 -3.55
CA MET A 198 11.08 -12.66 -3.93
C MET A 198 11.90 -13.03 -5.16
N ILE A 199 12.43 -12.04 -5.87
CA ILE A 199 13.12 -12.31 -7.14
C ILE A 199 14.41 -13.12 -6.94
N GLY A 200 14.94 -13.10 -5.73
CA GLY A 200 16.14 -13.88 -5.42
C GLY A 200 15.80 -15.29 -4.97
N LYS A 201 14.59 -15.73 -5.29
CA LYS A 201 14.11 -17.06 -4.91
C LYS A 201 15.00 -18.19 -5.41
N ILE A 202 15.26 -19.15 -4.55
CA ILE A 202 15.86 -20.41 -4.96
C ILE A 202 14.97 -21.55 -4.46
N PRO A 203 13.86 -21.80 -5.16
CA PRO A 203 12.81 -22.73 -4.74
C PRO A 203 13.33 -24.13 -4.43
N ALA A 204 14.41 -24.53 -5.08
CA ALA A 204 15.02 -25.83 -4.83
C ALA A 204 15.55 -25.92 -3.39
N GLN A 205 16.03 -24.80 -2.87
CA GLN A 205 16.60 -24.78 -1.52
C GLN A 205 15.61 -24.25 -0.49
N HIS A 206 14.34 -24.19 -0.86
CA HIS A 206 13.29 -23.61 -0.02
C HIS A 206 13.60 -22.14 0.33
N ILE A 207 14.16 -21.42 -0.63
CA ILE A 207 14.44 -20.00 -0.46
C ILE A 207 13.44 -19.15 -1.23
N VAL A 208 12.73 -18.28 -0.53
CA VAL A 208 11.79 -17.37 -1.16
C VAL A 208 12.25 -15.93 -1.03
N SER A 209 11.97 -15.31 0.11
CA SER A 209 12.37 -13.93 0.35
C SER A 209 13.85 -13.84 0.73
N ASN A 210 14.43 -12.67 0.48
CA ASN A 210 15.83 -12.39 0.82
C ASN A 210 16.81 -13.41 0.25
N GLY A 211 16.86 -13.49 -1.07
CA GLY A 211 17.78 -14.38 -1.75
C GLY A 211 19.19 -13.84 -1.77
N PRO A 212 20.16 -14.70 -2.10
CA PRO A 212 21.58 -14.32 -2.14
C PRO A 212 21.95 -13.44 -3.33
N LYS A 213 21.16 -13.49 -4.40
CA LYS A 213 21.44 -12.72 -5.60
C LYS A 213 20.42 -11.61 -5.80
N LEU A 214 19.59 -11.42 -4.77
CA LEU A 214 18.52 -10.43 -4.79
C LEU A 214 19.00 -9.01 -5.08
N HIS A 215 19.94 -8.53 -4.28
CA HIS A 215 20.41 -7.15 -4.40
C HIS A 215 21.29 -6.96 -5.62
N ALA A 216 21.87 -8.07 -6.11
CA ALA A 216 22.60 -8.03 -7.37
C ALA A 216 21.62 -7.80 -8.51
N TYR A 217 20.49 -8.51 -8.46
CA TYR A 217 19.43 -8.34 -9.45
C TYR A 217 18.85 -6.93 -9.39
N LEU A 218 18.67 -6.40 -8.18
CA LEU A 218 18.14 -5.05 -8.02
C LEU A 218 19.14 -4.01 -8.52
N LYS A 219 20.43 -4.25 -8.30
CA LYS A 219 21.47 -3.37 -8.82
C LYS A 219 21.47 -3.39 -10.34
N GLU A 220 21.33 -4.57 -10.93
CA GLU A 220 21.27 -4.71 -12.37
C GLU A 220 20.05 -3.99 -12.95
N MET A 221 18.92 -4.18 -12.30
CA MET A 221 17.68 -3.49 -12.66
C MET A 221 17.88 -1.98 -12.64
N ASN A 222 18.45 -1.47 -11.55
CA ASN A 222 18.72 -0.06 -11.42
C ASN A 222 19.62 0.44 -12.55
N ALA A 223 20.74 -0.24 -12.78
CA ALA A 223 21.71 0.18 -13.78
C ALA A 223 21.14 0.12 -15.19
N ALA A 224 20.14 -0.74 -15.39
CA ALA A 224 19.55 -0.92 -16.70
C ALA A 224 18.25 -0.13 -16.90
N SER A 225 17.68 0.39 -15.81
CA SER A 225 16.39 1.07 -15.90
C SER A 225 16.44 2.49 -15.35
N PHE A 226 15.94 2.64 -14.13
CA PHE A 226 15.67 3.95 -13.53
C PHE A 226 16.88 4.57 -12.84
N GLY A 227 18.00 3.84 -12.81
CA GLY A 227 19.18 4.30 -12.09
C GLY A 227 19.75 5.61 -12.61
N GLN A 228 19.52 5.90 -13.88
CA GLN A 228 20.01 7.12 -14.49
C GLN A 228 19.01 8.26 -14.33
N HIS A 229 17.73 7.91 -14.31
CA HIS A 229 16.67 8.90 -14.19
C HIS A 229 16.46 9.28 -12.73
N ASP A 230 15.52 10.19 -12.48
CA ASP A 230 15.24 10.65 -11.12
C ASP A 230 13.85 10.23 -10.69
N LEU A 231 13.71 8.94 -10.37
CA LEU A 231 12.40 8.36 -10.10
C LEU A 231 12.26 7.84 -8.68
N LEU A 232 11.02 7.75 -8.21
CA LEU A 232 10.71 7.12 -6.93
C LEU A 232 10.49 5.62 -7.15
N THR A 233 11.37 4.80 -6.61
CA THR A 233 11.15 3.36 -6.65
C THR A 233 10.95 2.80 -5.25
N VAL A 234 9.71 2.41 -4.96
CA VAL A 234 9.38 1.79 -3.67
C VAL A 234 9.19 0.28 -3.86
N GLY A 235 9.95 -0.49 -3.11
CA GLY A 235 9.86 -1.95 -3.17
C GLY A 235 9.16 -2.53 -1.97
N GLN A 236 8.24 -3.45 -2.21
CA GLN A 236 7.54 -4.14 -1.14
C GLN A 236 8.42 -5.25 -0.58
N THR A 237 8.87 -5.09 0.66
CA THR A 237 9.79 -6.03 1.27
C THR A 237 9.14 -6.77 2.44
N TRP A 238 8.86 -8.06 2.25
CA TRP A 238 8.25 -8.86 3.31
C TRP A 238 9.25 -9.10 4.45
N GLY A 239 10.38 -9.71 4.12
CA GLY A 239 11.43 -9.91 5.11
C GLY A 239 12.25 -8.65 5.26
N ALA A 240 11.82 -7.77 6.16
CA ALA A 240 12.44 -6.44 6.25
C ALA A 240 12.76 -6.00 7.68
N THR A 241 14.04 -5.92 7.97
CA THR A 241 14.54 -5.28 9.18
C THR A 241 15.23 -3.98 8.76
N PRO A 242 15.45 -3.05 9.70
CA PRO A 242 16.11 -1.79 9.37
C PRO A 242 17.41 -1.94 8.58
N GLU A 243 18.20 -2.97 8.87
CA GLU A 243 19.46 -3.21 8.16
C GLU A 243 19.22 -3.66 6.72
N ILE A 244 18.26 -4.56 6.55
CA ILE A 244 17.86 -5.00 5.22
C ILE A 244 17.33 -3.81 4.43
N ALA A 245 16.54 -2.98 5.10
CA ALA A 245 16.01 -1.76 4.50
C ALA A 245 17.16 -0.86 4.06
N LYS A 246 18.22 -0.82 4.86
CA LYS A 246 19.42 -0.09 4.49
C LYS A 246 20.00 -0.64 3.20
N GLN A 247 20.14 -1.97 3.13
CA GLN A 247 20.68 -2.60 1.93
C GLN A 247 19.84 -2.27 0.70
N TYR A 248 18.52 -2.18 0.87
CA TYR A 248 17.61 -1.86 -0.22
C TYR A 248 17.67 -0.40 -0.68
N SER A 249 17.63 0.53 0.27
CA SER A 249 17.32 1.92 -0.05
C SER A 249 18.43 2.93 0.25
N ASN A 250 19.59 2.47 0.70
CA ASN A 250 20.73 3.35 0.85
C ASN A 250 21.15 3.86 -0.53
N PRO A 251 21.19 5.19 -0.70
CA PRO A 251 21.46 5.83 -2.01
C PRO A 251 22.78 5.39 -2.63
N VAL A 252 23.71 4.94 -1.81
CA VAL A 252 25.03 4.53 -2.30
C VAL A 252 24.94 3.19 -3.05
N ASN A 253 24.09 2.30 -2.57
CA ASN A 253 23.98 0.96 -3.14
C ASN A 253 23.35 0.94 -4.53
N HIS A 254 22.75 2.06 -4.92
CA HIS A 254 22.13 2.21 -6.24
C HIS A 254 21.11 1.12 -6.53
N GLU A 255 20.09 1.04 -5.69
CA GLU A 255 19.01 0.09 -5.90
C GLU A 255 17.66 0.81 -5.90
N LEU A 256 17.03 0.90 -4.73
CA LEU A 256 15.69 1.46 -4.63
C LEU A 256 15.67 2.77 -3.85
N SER A 257 14.63 3.56 -4.07
CA SER A 257 14.42 4.79 -3.30
C SER A 257 14.08 4.46 -1.85
N MET A 258 13.15 3.52 -1.66
CA MET A 258 12.69 3.19 -0.31
C MET A 258 12.07 1.80 -0.24
N VAL A 259 11.77 1.35 0.98
CA VAL A 259 11.14 0.05 1.21
C VAL A 259 9.69 0.21 1.64
N PHE A 260 8.95 -0.89 1.53
CA PHE A 260 7.56 -0.96 1.97
C PHE A 260 7.43 -2.21 2.85
N GLN A 261 7.34 -2.01 4.16
CA GLN A 261 7.49 -3.11 5.11
C GLN A 261 6.32 -3.20 6.12
N PHE A 262 6.02 -4.41 6.57
CA PHE A 262 4.76 -4.69 7.28
C PHE A 262 4.87 -5.15 8.73
N GLU A 263 5.94 -4.80 9.43
CA GLU A 263 6.12 -5.26 10.81
C GLU A 263 5.03 -4.73 11.74
N HIS A 264 4.64 -3.48 11.54
CA HIS A 264 3.57 -2.89 12.35
C HIS A 264 2.22 -3.49 11.95
N ILE A 265 2.11 -3.86 10.68
CA ILE A 265 0.91 -4.53 10.18
C ILE A 265 0.74 -5.89 10.86
N GLY A 266 1.87 -6.50 11.23
CA GLY A 266 1.86 -7.79 11.89
C GLY A 266 1.12 -7.81 13.21
N LEU A 267 0.85 -6.62 13.75
CA LEU A 267 0.13 -6.49 15.01
C LEU A 267 -1.37 -6.59 14.80
N GLN A 268 -1.78 -6.86 13.56
CA GLN A 268 -3.19 -7.03 13.25
C GLN A 268 -3.64 -8.47 13.50
N HIS A 269 -2.67 -9.34 13.77
CA HIS A 269 -2.96 -10.74 14.08
C HIS A 269 -2.06 -11.25 15.19
N LYS A 270 -2.46 -12.38 15.78
CA LYS A 270 -1.70 -12.99 16.87
C LYS A 270 -0.32 -13.46 16.38
N PRO A 271 0.67 -13.47 17.28
CA PRO A 271 2.06 -13.82 16.93
C PRO A 271 2.21 -15.14 16.19
N GLU A 272 2.82 -15.09 15.00
CA GLU A 272 3.05 -16.25 14.15
C GLU A 272 1.78 -17.04 13.83
N ALA A 273 0.63 -16.36 13.93
CA ALA A 273 -0.65 -16.95 13.55
C ALA A 273 -1.05 -16.41 12.17
N PRO A 274 -1.90 -17.15 11.44
CA PRO A 274 -2.36 -16.61 10.15
C PRO A 274 -3.13 -15.31 10.35
N LYS A 275 -3.10 -14.44 9.34
CA LYS A 275 -3.70 -13.12 9.45
C LYS A 275 -5.21 -13.16 9.66
N TRP A 276 -5.80 -14.35 9.52
CA TRP A 276 -7.24 -14.51 9.69
C TRP A 276 -7.63 -14.59 11.16
N ASP A 277 -6.71 -15.04 12.00
CA ASP A 277 -6.91 -15.01 13.44
C ASP A 277 -6.53 -13.62 13.95
N TYR A 278 -7.41 -12.66 13.72
CA TYR A 278 -7.07 -11.25 13.89
C TYR A 278 -7.13 -10.75 15.33
N VAL A 279 -6.66 -9.52 15.51
CA VAL A 279 -6.69 -8.83 16.78
C VAL A 279 -7.25 -7.43 16.60
N LYS A 280 -8.41 -7.14 17.20
CA LYS A 280 -8.96 -5.79 17.10
C LYS A 280 -8.20 -4.82 18.00
N GLU A 281 -8.17 -5.12 19.29
CA GLU A 281 -7.47 -4.27 20.26
C GLU A 281 -5.99 -4.15 19.90
N LEU A 282 -5.62 -2.98 19.38
CA LEU A 282 -4.25 -2.72 18.96
C LEU A 282 -3.31 -2.62 20.15
N ASN A 283 -2.20 -3.33 20.08
CA ASN A 283 -1.13 -3.21 21.09
C ASN A 283 -0.30 -1.96 20.83
N VAL A 284 -0.78 -0.82 21.33
CA VAL A 284 -0.14 0.47 21.09
C VAL A 284 1.32 0.54 21.58
N PRO A 285 1.63 -0.01 22.77
CA PRO A 285 3.06 -0.03 23.12
C PRO A 285 3.94 -0.77 22.12
N ALA A 286 3.44 -1.86 21.55
CA ALA A 286 4.16 -2.60 20.52
C ALA A 286 4.39 -1.73 19.29
N LEU A 287 3.35 -1.00 18.89
CA LEU A 287 3.43 -0.08 17.76
C LEU A 287 4.46 1.01 18.03
N LYS A 288 4.53 1.44 19.28
CA LYS A 288 5.52 2.43 19.72
C LYS A 288 6.92 1.86 19.54
N THR A 289 7.09 0.61 19.94
CA THR A 289 8.39 -0.05 19.82
C THR A 289 8.84 -0.20 18.37
N ILE A 290 7.94 -0.66 17.51
CA ILE A 290 8.25 -0.85 16.10
C ILE A 290 8.55 0.48 15.41
N PHE A 291 7.62 1.42 15.55
CA PHE A 291 7.80 2.75 14.96
C PHE A 291 9.10 3.40 15.42
N ASN A 292 9.41 3.27 16.71
CA ASN A 292 10.67 3.82 17.22
C ASN A 292 11.86 3.12 16.62
N LYS A 293 11.75 1.81 16.45
CA LYS A 293 12.81 1.01 15.85
C LYS A 293 13.14 1.50 14.45
N TRP A 294 12.09 1.74 13.66
CA TRP A 294 12.27 2.15 12.27
C TRP A 294 12.54 3.64 12.10
N GLN A 295 12.24 4.43 13.13
CA GLN A 295 12.52 5.86 13.09
C GLN A 295 13.95 6.14 13.52
N THR A 296 14.46 5.30 14.42
CA THR A 296 15.81 5.52 14.96
C THR A 296 16.90 4.77 14.20
N GLU A 297 16.67 3.48 13.94
CA GLU A 297 17.71 2.61 13.39
C GLU A 297 17.80 2.69 11.87
N LEU A 298 17.02 3.58 11.28
CA LEU A 298 17.12 3.88 9.85
C LEU A 298 17.54 5.34 9.69
N GLU A 299 18.81 5.61 9.95
CA GLU A 299 19.32 6.97 10.02
C GLU A 299 19.18 7.75 8.72
N LEU A 300 19.21 9.07 8.85
CA LEU A 300 19.15 9.97 7.70
C LEU A 300 20.34 9.71 6.79
N GLY A 301 20.04 9.46 5.51
CA GLY A 301 21.09 9.24 4.53
C GLY A 301 21.47 7.77 4.34
N GLN A 302 21.09 6.94 5.30
CA GLN A 302 21.44 5.52 5.23
C GLN A 302 20.26 4.67 4.75
N GLY A 303 19.17 5.32 4.35
CA GLY A 303 18.00 4.60 3.88
C GLY A 303 16.72 5.40 4.08
N TRP A 304 15.66 4.98 3.40
CA TRP A 304 14.37 5.67 3.50
C TRP A 304 13.22 4.69 3.70
N ASN A 305 12.27 5.07 4.54
CA ASN A 305 11.18 4.19 4.92
C ASN A 305 9.81 4.74 4.52
N SER A 306 8.88 3.85 4.17
CA SER A 306 7.53 4.24 3.80
C SER A 306 6.63 4.40 5.03
N LEU A 307 5.65 5.29 4.92
CA LEU A 307 4.66 5.49 5.98
C LEU A 307 3.27 5.17 5.45
N PHE A 308 2.63 4.15 6.02
CA PHE A 308 1.33 3.73 5.53
C PHE A 308 0.53 3.00 6.59
N TRP A 309 -0.79 3.16 6.52
CA TRP A 309 -1.70 2.43 7.40
C TRP A 309 -2.33 1.26 6.67
N ASN A 310 -2.52 1.41 5.36
CA ASN A 310 -3.33 0.47 4.59
C ASN A 310 -3.18 0.63 3.09
N ASN A 311 -3.39 -0.47 2.37
CA ASN A 311 -3.41 -0.43 0.91
C ASN A 311 -4.50 -1.34 0.34
N HIS A 312 -4.28 -1.83 -0.88
CA HIS A 312 -5.28 -2.64 -1.56
C HIS A 312 -5.28 -4.07 -1.05
N ASP A 313 -4.32 -4.39 -0.17
CA ASP A 313 -4.21 -5.74 0.37
C ASP A 313 -4.54 -5.80 1.86
N LEU A 314 -4.88 -4.65 2.43
CA LEU A 314 -5.07 -4.56 3.87
C LEU A 314 -6.45 -4.01 4.23
N PRO A 315 -6.94 -4.32 5.44
CA PRO A 315 -8.16 -3.68 5.90
C PRO A 315 -7.95 -2.19 6.12
N ARG A 316 -8.99 -1.38 5.89
CA ARG A 316 -8.89 0.06 6.13
C ARG A 316 -8.60 0.30 7.59
N VAL A 317 -7.71 1.26 7.86
CA VAL A 317 -7.14 1.45 9.19
C VAL A 317 -8.18 1.73 10.28
N LEU A 318 -9.32 2.31 9.91
CA LEU A 318 -10.35 2.65 10.89
C LEU A 318 -11.05 1.41 11.46
N SER A 319 -11.19 0.37 10.64
CA SER A 319 -11.89 -0.83 11.05
C SER A 319 -11.02 -1.76 11.90
N ILE A 320 -9.72 -1.66 11.71
CA ILE A 320 -8.79 -2.57 12.38
C ILE A 320 -8.13 -1.93 13.61
N TRP A 321 -7.83 -0.64 13.52
CA TRP A 321 -7.07 0.04 14.57
C TRP A 321 -7.73 1.32 15.10
N GLY A 322 -8.81 1.76 14.46
CA GLY A 322 -9.41 3.03 14.80
C GLY A 322 -10.79 2.96 15.44
N ASN A 323 -11.62 3.95 15.13
CA ASN A 323 -12.99 4.00 15.61
C ASN A 323 -13.92 4.17 14.43
N THR A 324 -15.08 3.53 14.48
CA THR A 324 -15.98 3.53 13.33
C THR A 324 -17.36 4.08 13.68
N GLY A 325 -17.51 4.59 14.89
CA GLY A 325 -18.78 5.12 15.35
C GLY A 325 -18.74 6.58 15.75
N LYS A 326 -18.64 6.82 17.05
CA LYS A 326 -18.60 8.18 17.59
C LYS A 326 -17.40 8.98 17.09
N TYR A 327 -16.21 8.56 17.50
CA TYR A 327 -14.98 9.27 17.18
C TYR A 327 -14.33 8.76 15.89
N ARG A 328 -15.14 8.50 14.87
CA ARG A 328 -14.62 7.99 13.60
C ARG A 328 -13.64 8.97 12.96
N GLU A 329 -14.15 10.16 12.65
CA GLU A 329 -13.35 11.19 12.00
C GLU A 329 -12.20 11.64 12.88
N LYS A 330 -12.45 11.72 14.18
CA LYS A 330 -11.43 12.12 15.14
C LYS A 330 -10.30 11.10 15.22
N SER A 331 -10.66 9.81 15.24
CA SER A 331 -9.66 8.76 15.23
C SER A 331 -8.86 8.76 13.92
N ALA A 332 -9.56 9.04 12.82
CA ALA A 332 -8.90 9.10 11.52
C ALA A 332 -7.87 10.22 11.48
N LYS A 333 -8.26 11.40 11.97
CA LYS A 333 -7.34 12.53 12.07
C LYS A 333 -6.16 12.19 12.97
N ALA A 334 -6.46 11.51 14.09
CA ALA A 334 -5.43 11.15 15.05
C ALA A 334 -4.38 10.23 14.45
N LEU A 335 -4.83 9.19 13.76
CA LEU A 335 -3.92 8.25 13.10
C LEU A 335 -3.13 8.95 12.00
N ALA A 336 -3.82 9.76 11.21
CA ALA A 336 -3.19 10.53 10.13
C ALA A 336 -2.02 11.36 10.66
N ILE A 337 -2.31 12.18 11.66
CA ILE A 337 -1.30 13.01 12.32
C ILE A 337 -0.16 12.16 12.88
N LEU A 338 -0.53 11.06 13.53
CA LEU A 338 0.44 10.15 14.13
C LEU A 338 1.45 9.62 13.11
N LEU A 339 0.98 9.21 11.95
CA LEU A 339 1.85 8.61 10.94
C LEU A 339 2.62 9.64 10.11
N HIS A 340 1.94 10.70 9.70
CA HIS A 340 2.52 11.65 8.74
C HIS A 340 3.60 12.57 9.29
N LEU A 341 3.72 12.65 10.61
CA LEU A 341 4.69 13.57 11.20
C LEU A 341 5.95 12.83 11.66
N MET A 342 6.10 11.60 11.18
CA MET A 342 7.37 10.89 11.35
C MET A 342 8.20 11.10 10.09
N ARG A 343 9.43 10.61 10.10
CA ARG A 343 10.29 10.74 8.93
C ARG A 343 10.04 9.61 7.92
N GLY A 344 9.85 9.98 6.66
CA GLY A 344 9.65 9.02 5.60
C GLY A 344 8.65 9.53 4.58
N THR A 345 8.36 8.70 3.58
CA THR A 345 7.34 9.05 2.59
C THR A 345 6.00 8.45 2.98
N PRO A 346 5.02 9.32 3.30
CA PRO A 346 3.68 8.86 3.68
C PRO A 346 2.87 8.39 2.47
N TYR A 347 2.17 7.27 2.62
CA TYR A 347 1.31 6.74 1.57
C TYR A 347 -0.15 6.76 1.99
N ILE A 348 -1.00 7.37 1.17
CA ILE A 348 -2.42 7.44 1.46
C ILE A 348 -3.19 6.58 0.48
N TYR A 349 -3.91 5.59 0.99
CA TYR A 349 -4.76 4.78 0.14
C TYR A 349 -6.04 5.55 -0.17
N GLN A 350 -6.61 5.30 -1.34
CA GLN A 350 -7.84 6.00 -1.74
C GLN A 350 -8.95 5.77 -0.72
N GLY A 351 -9.65 6.85 -0.38
CA GLY A 351 -10.77 6.76 0.54
C GLY A 351 -10.37 6.92 2.01
N GLU A 352 -9.10 6.69 2.29
CA GLU A 352 -8.59 6.87 3.64
C GLU A 352 -8.70 8.35 4.06
N GLU A 353 -8.58 9.24 3.09
CA GLU A 353 -8.60 10.68 3.37
C GLU A 353 -9.99 11.16 3.79
N ILE A 354 -11.02 10.35 3.51
CA ILE A 354 -12.37 10.68 3.96
C ILE A 354 -12.82 9.72 5.07
N GLY A 355 -11.96 8.75 5.38
CA GLY A 355 -12.23 7.83 6.47
C GLY A 355 -13.22 6.72 6.14
N MET A 356 -13.02 6.07 5.01
CA MET A 356 -13.85 4.93 4.65
C MET A 356 -13.53 3.73 5.55
N THR A 357 -14.43 2.75 5.60
CA THR A 357 -14.23 1.58 6.46
C THR A 357 -14.35 0.29 5.66
N ASN A 358 -14.19 -0.84 6.34
CA ASN A 358 -14.45 -2.15 5.75
C ASN A 358 -15.91 -2.31 5.38
N TYR A 359 -16.20 -3.27 4.51
CA TYR A 359 -17.57 -3.51 4.05
C TYR A 359 -18.19 -4.71 4.77
N PRO A 360 -19.45 -4.58 5.17
CA PRO A 360 -20.17 -5.66 5.85
C PRO A 360 -20.58 -6.80 4.91
N PHE A 361 -19.61 -7.59 4.44
CA PHE A 361 -19.92 -8.77 3.65
C PHE A 361 -20.67 -9.80 4.50
N LYS A 362 -21.87 -10.17 4.08
CA LYS A 362 -22.66 -11.10 4.88
C LYS A 362 -22.51 -12.53 4.39
N ASP A 363 -22.43 -12.73 3.08
CA ASP A 363 -22.26 -14.07 2.53
C ASP A 363 -21.04 -14.14 1.60
N LEU A 364 -20.68 -15.36 1.22
CA LEU A 364 -19.44 -15.62 0.50
C LEU A 364 -19.50 -15.21 -0.97
N ASN A 365 -20.70 -15.13 -1.52
CA ASN A 365 -20.85 -14.79 -2.94
C ASN A 365 -20.39 -13.40 -3.29
N GLU A 366 -20.79 -12.40 -2.50
CA GLU A 366 -20.51 -11.00 -2.83
C GLU A 366 -19.04 -10.62 -2.69
N LEU A 367 -18.20 -11.58 -2.32
CA LEU A 367 -16.75 -11.38 -2.32
C LEU A 367 -16.21 -11.53 -3.74
N ASP A 368 -14.91 -11.29 -3.91
CA ASP A 368 -14.27 -11.44 -5.22
C ASP A 368 -12.83 -11.91 -5.11
N ASP A 369 -12.18 -11.60 -3.98
CA ASP A 369 -10.77 -11.89 -3.82
C ASP A 369 -10.49 -13.38 -3.72
N ILE A 370 -9.65 -13.87 -4.61
CA ILE A 370 -9.27 -15.27 -4.69
C ILE A 370 -8.66 -15.78 -3.38
N GLU A 371 -7.97 -14.89 -2.67
CA GLU A 371 -7.35 -15.25 -1.39
C GLU A 371 -8.40 -15.58 -0.33
N SER A 372 -9.42 -14.73 -0.26
CA SER A 372 -10.51 -14.92 0.68
C SER A 372 -11.32 -16.17 0.35
N LEU A 373 -11.54 -16.42 -0.92
CA LEU A 373 -12.30 -17.58 -1.37
C LEU A 373 -11.55 -18.87 -1.06
N ASN A 374 -10.25 -18.89 -1.35
CA ASN A 374 -9.43 -20.05 -1.05
C ASN A 374 -9.36 -20.32 0.46
N TYR A 375 -9.08 -19.27 1.23
CA TYR A 375 -9.07 -19.40 2.69
C TYR A 375 -10.39 -19.94 3.19
N ALA A 376 -11.49 -19.44 2.63
CA ALA A 376 -12.83 -19.86 3.05
C ALA A 376 -13.07 -21.34 2.77
N LYS A 377 -12.78 -21.76 1.54
CA LYS A 377 -13.02 -23.14 1.15
C LYS A 377 -12.14 -24.13 1.91
N GLU A 378 -10.92 -23.73 2.27
CA GLU A 378 -10.07 -24.58 3.10
C GLU A 378 -10.59 -24.65 4.55
N ALA A 379 -10.80 -23.48 5.13
CA ALA A 379 -11.20 -23.37 6.54
C ALA A 379 -12.54 -24.03 6.83
N PHE A 380 -13.44 -24.01 5.84
CA PHE A 380 -14.76 -24.60 6.02
C PHE A 380 -14.66 -26.10 6.30
N THR A 381 -13.83 -26.79 5.54
CA THR A 381 -13.62 -28.21 5.77
C THR A 381 -12.45 -28.44 6.71
N ASN A 382 -11.95 -27.38 7.32
CA ASN A 382 -10.92 -27.54 8.35
C ASN A 382 -11.41 -27.11 9.75
N GLY A 383 -12.71 -27.20 9.97
CA GLY A 383 -13.27 -27.01 11.31
C GLY A 383 -13.84 -25.63 11.61
N LYS A 384 -13.86 -24.75 10.61
CA LYS A 384 -14.39 -23.41 10.80
C LYS A 384 -15.76 -23.27 10.16
N SER A 385 -16.67 -22.62 10.87
CA SER A 385 -18.01 -22.38 10.35
C SER A 385 -18.00 -21.20 9.39
N MET A 386 -19.02 -21.12 8.55
CA MET A 386 -19.12 -20.05 7.57
C MET A 386 -19.25 -18.67 8.23
N GLU A 387 -19.85 -18.64 9.41
CA GLU A 387 -20.02 -17.36 10.13
C GLU A 387 -18.69 -16.86 10.67
N THR A 388 -17.90 -17.77 11.23
CA THR A 388 -16.55 -17.47 11.69
C THR A 388 -15.68 -16.98 10.55
N ILE A 389 -15.77 -17.68 9.42
CA ILE A 389 -15.02 -17.34 8.23
C ILE A 389 -15.41 -15.96 7.70
N MET A 390 -16.71 -15.70 7.66
CA MET A 390 -17.22 -14.43 7.14
C MET A 390 -16.87 -13.27 8.07
N ASP A 391 -16.78 -13.56 9.36
CA ASP A 391 -16.36 -12.55 10.33
C ASP A 391 -14.88 -12.21 10.10
N SER A 392 -14.08 -13.26 9.99
CA SER A 392 -12.64 -13.12 9.76
C SER A 392 -12.37 -12.36 8.46
N ILE A 393 -13.18 -12.62 7.43
CA ILE A 393 -13.02 -11.96 6.14
C ILE A 393 -13.51 -10.51 6.19
N ARG A 394 -14.61 -10.29 6.89
CA ARG A 394 -15.12 -8.93 7.13
C ARG A 394 -14.07 -8.07 7.83
N MET A 395 -13.23 -8.72 8.62
CA MET A 395 -12.17 -8.00 9.32
C MET A 395 -10.89 -7.84 8.49
N ILE A 396 -10.48 -8.89 7.79
CA ILE A 396 -9.15 -8.94 7.19
C ILE A 396 -9.15 -9.06 5.66
N GLY A 397 -10.23 -9.60 5.09
CA GLY A 397 -10.33 -9.79 3.65
C GLY A 397 -9.99 -8.57 2.81
N ARG A 398 -9.21 -8.77 1.76
CA ARG A 398 -8.71 -7.65 0.96
C ARG A 398 -9.81 -6.89 0.23
N ASP A 399 -10.95 -7.56 0.03
CA ASP A 399 -12.09 -6.95 -0.65
C ASP A 399 -12.63 -5.74 0.10
N ASN A 400 -12.33 -5.67 1.40
CA ASN A 400 -12.71 -4.52 2.22
C ASN A 400 -12.06 -3.23 1.75
N ALA A 401 -10.93 -3.35 1.05
CA ALA A 401 -10.20 -2.19 0.58
C ALA A 401 -10.53 -1.85 -0.86
N ARG A 402 -11.34 -2.70 -1.49
CA ARG A 402 -11.56 -2.60 -2.93
C ARG A 402 -12.99 -2.25 -3.29
N THR A 403 -13.80 -1.90 -2.30
CA THR A 403 -15.14 -1.37 -2.55
C THR A 403 -14.99 0.01 -3.21
N PRO A 404 -15.94 0.35 -4.10
CA PRO A 404 -15.89 1.59 -4.88
C PRO A 404 -15.64 2.86 -4.06
N MET A 405 -14.89 3.78 -4.65
CA MET A 405 -14.61 5.08 -4.03
C MET A 405 -15.88 5.89 -3.87
N GLN A 406 -16.19 6.27 -2.64
CA GLN A 406 -17.43 6.97 -2.33
C GLN A 406 -17.26 8.48 -2.49
N TRP A 407 -17.82 9.03 -3.57
CA TRP A 407 -17.64 10.45 -3.89
C TRP A 407 -18.78 11.33 -3.35
N ASP A 408 -20.03 10.88 -3.55
CA ASP A 408 -21.19 11.64 -3.10
C ASP A 408 -22.33 10.73 -2.68
N ALA A 409 -23.54 11.27 -2.68
CA ALA A 409 -24.72 10.51 -2.28
C ALA A 409 -25.61 10.19 -3.47
N SER A 410 -25.02 10.13 -4.66
CA SER A 410 -25.75 9.77 -5.86
C SER A 410 -25.89 8.27 -5.98
N GLN A 411 -26.28 7.82 -7.17
CA GLN A 411 -26.30 6.39 -7.48
C GLN A 411 -24.88 5.84 -7.40
N ASN A 412 -24.71 4.74 -6.67
CA ASN A 412 -23.41 4.12 -6.48
C ASN A 412 -22.37 5.10 -5.94
N ALA A 413 -22.81 6.00 -5.08
CA ALA A 413 -21.96 7.03 -4.47
C ALA A 413 -21.25 7.90 -5.51
N GLY A 414 -21.82 7.98 -6.71
CA GLY A 414 -21.22 8.76 -7.77
C GLY A 414 -19.99 8.12 -8.37
N PHE A 415 -19.82 6.82 -8.11
CA PHE A 415 -18.71 6.06 -8.67
C PHE A 415 -19.05 5.55 -10.06
N SER A 416 -20.28 5.06 -10.22
CA SER A 416 -20.71 4.52 -11.49
C SER A 416 -22.18 4.82 -11.76
N THR A 417 -22.57 4.77 -13.03
CA THR A 417 -23.95 4.98 -13.42
C THR A 417 -24.60 3.67 -13.85
N ALA A 418 -24.07 2.56 -13.35
CA ALA A 418 -24.56 1.24 -13.72
C ALA A 418 -25.49 0.66 -12.65
N ASP A 419 -26.23 -0.39 -13.02
CA ASP A 419 -27.15 -1.05 -12.10
C ASP A 419 -26.41 -1.60 -10.88
N LYS A 420 -25.31 -2.31 -11.14
CA LYS A 420 -24.46 -2.80 -10.08
C LYS A 420 -23.00 -2.48 -10.37
N THR A 421 -22.20 -2.39 -9.30
CA THR A 421 -20.76 -2.16 -9.43
C THR A 421 -20.04 -3.48 -9.19
N TRP A 422 -18.80 -3.59 -9.67
CA TRP A 422 -18.06 -4.86 -9.63
C TRP A 422 -17.91 -5.34 -8.18
N LEU A 423 -17.84 -4.40 -7.26
CA LEU A 423 -17.97 -4.68 -5.84
C LEU A 423 -19.03 -3.74 -5.27
N PRO A 424 -19.74 -4.19 -4.23
CA PRO A 424 -20.81 -3.36 -3.64
C PRO A 424 -20.28 -2.09 -2.98
N VAL A 425 -21.05 -1.01 -3.09
CA VAL A 425 -20.71 0.24 -2.41
C VAL A 425 -21.22 0.20 -0.98
N ASN A 426 -20.36 0.55 -0.03
CA ASN A 426 -20.72 0.55 1.39
C ASN A 426 -21.83 1.55 1.67
N PRO A 427 -22.91 1.09 2.33
CA PRO A 427 -24.06 1.92 2.70
C PRO A 427 -23.68 3.21 3.45
N ASN A 428 -22.57 3.18 4.20
CA ASN A 428 -22.15 4.37 4.94
C ASN A 428 -21.77 5.53 4.03
N TYR A 429 -21.83 5.31 2.72
CA TYR A 429 -21.64 6.38 1.74
C TYR A 429 -22.73 7.43 1.93
N LYS A 430 -23.80 7.02 2.60
CA LYS A 430 -24.83 7.95 3.08
C LYS A 430 -24.16 9.11 3.83
N ASP A 431 -23.21 8.77 4.69
CA ASP A 431 -22.51 9.77 5.49
C ASP A 431 -21.06 9.95 5.05
N ILE A 432 -20.44 8.87 4.58
CA ILE A 432 -19.02 8.90 4.24
C ILE A 432 -18.79 9.03 2.73
N ASN A 433 -18.64 10.26 2.26
CA ASN A 433 -18.30 10.49 0.86
C ASN A 433 -17.44 11.73 0.66
N VAL A 434 -16.87 11.87 -0.53
CA VAL A 434 -15.92 12.93 -0.83
C VAL A 434 -16.55 14.32 -0.81
N GLN A 435 -17.77 14.43 -1.35
CA GLN A 435 -18.47 15.71 -1.38
C GLN A 435 -18.66 16.28 0.03
N ALA A 436 -19.18 15.45 0.92
CA ALA A 436 -19.44 15.85 2.30
C ALA A 436 -18.14 16.21 3.02
N ALA A 437 -17.09 15.45 2.74
CA ALA A 437 -15.78 15.69 3.35
C ALA A 437 -15.20 17.02 2.88
N LEU A 438 -15.44 17.34 1.62
CA LEU A 438 -14.98 18.61 1.05
C LEU A 438 -15.76 19.77 1.66
N LYS A 439 -17.06 19.57 1.88
CA LYS A 439 -17.91 20.63 2.43
C LYS A 439 -17.48 21.02 3.85
N ASN A 440 -17.28 20.01 4.69
CA ASN A 440 -16.85 20.24 6.07
C ASN A 440 -15.43 20.77 6.11
N SER A 441 -15.28 22.03 6.53
CA SER A 441 -13.97 22.68 6.56
C SER A 441 -12.99 21.97 7.48
N ASN A 442 -13.50 21.38 8.56
CA ASN A 442 -12.65 20.67 9.51
C ASN A 442 -12.83 19.16 9.45
N SER A 443 -12.78 18.59 8.24
CA SER A 443 -12.93 17.15 8.05
C SER A 443 -11.57 16.45 7.96
N ILE A 444 -11.61 15.12 7.87
CA ILE A 444 -10.40 14.31 7.76
C ILE A 444 -9.55 14.72 6.56
N PHE A 445 -10.23 15.00 5.46
CA PHE A 445 -9.60 15.41 4.21
C PHE A 445 -8.65 16.58 4.40
N TYR A 446 -9.13 17.62 5.06
CA TYR A 446 -8.33 18.84 5.24
C TYR A 446 -7.21 18.63 6.24
N THR A 447 -7.37 17.65 7.13
CA THR A 447 -6.28 17.25 8.01
C THR A 447 -5.15 16.65 7.18
N TYR A 448 -5.50 15.73 6.29
CA TYR A 448 -4.51 15.16 5.38
C TYR A 448 -3.87 16.24 4.52
N GLN A 449 -4.68 17.17 4.03
CA GLN A 449 -4.18 18.29 3.23
C GLN A 449 -3.14 19.09 3.99
N GLN A 450 -3.46 19.42 5.24
CA GLN A 450 -2.56 20.20 6.07
C GLN A 450 -1.26 19.45 6.32
N LEU A 451 -1.37 18.15 6.59
CA LEU A 451 -0.19 17.33 6.82
C LEU A 451 0.73 17.29 5.59
N ILE A 452 0.12 17.08 4.42
CA ILE A 452 0.87 17.00 3.18
C ILE A 452 1.54 18.34 2.89
N GLN A 453 0.83 19.43 3.16
CA GLN A 453 1.37 20.78 2.97
C GLN A 453 2.56 21.02 3.89
N LEU A 454 2.42 20.62 5.16
CA LEU A 454 3.49 20.72 6.14
C LEU A 454 4.71 19.94 5.69
N ARG A 455 4.48 18.79 5.07
CA ARG A 455 5.57 17.97 4.54
C ARG A 455 6.26 18.68 3.38
N LYS A 456 5.47 19.28 2.50
CA LYS A 456 5.99 20.02 1.36
C LYS A 456 6.86 21.21 1.76
N GLU A 457 6.38 21.99 2.73
CA GLU A 457 6.95 23.30 3.02
C GLU A 457 8.01 23.31 4.11
N ASN A 458 8.03 22.30 4.98
CA ASN A 458 8.94 22.29 6.13
C ASN A 458 9.98 21.19 6.04
N ASP A 459 11.25 21.59 6.12
CA ASP A 459 12.37 20.66 5.96
C ASP A 459 12.54 19.73 7.16
N TRP A 460 12.07 20.15 8.33
CA TRP A 460 12.32 19.39 9.55
C TRP A 460 11.69 18.01 9.51
N LEU A 461 10.54 17.88 8.84
CA LEU A 461 9.91 16.57 8.67
C LEU A 461 10.88 15.56 8.06
N VAL A 462 11.79 16.04 7.25
CA VAL A 462 12.84 15.19 6.70
C VAL A 462 14.07 15.20 7.61
N ASP A 463 14.38 16.37 8.16
CA ASP A 463 15.67 16.56 8.84
C ASP A 463 15.66 16.15 10.31
N ALA A 464 14.58 16.47 11.01
CA ALA A 464 14.51 16.25 12.45
C ALA A 464 14.64 14.77 12.81
N ASP A 465 15.31 14.51 13.93
CA ASP A 465 15.44 13.14 14.42
C ASP A 465 14.12 12.69 15.05
N PHE A 466 14.16 11.53 15.71
CA PHE A 466 12.98 10.99 16.35
C PHE A 466 13.31 10.57 17.76
N GLU A 467 12.46 10.96 18.72
CA GLU A 467 12.65 10.53 20.09
C GLU A 467 11.32 10.14 20.71
N LEU A 468 11.23 8.89 21.15
CA LEU A 468 10.01 8.41 21.80
C LEU A 468 9.95 8.91 23.24
N LEU A 469 8.78 9.38 23.65
CA LEU A 469 8.59 9.88 25.00
C LEU A 469 7.81 8.87 25.85
N PRO A 470 8.24 8.66 27.10
CA PRO A 470 7.60 7.71 28.02
C PRO A 470 6.22 8.18 28.46
N THR A 471 5.17 7.68 27.83
CA THR A 471 3.81 8.05 28.18
C THR A 471 3.03 6.82 28.65
N ALA A 472 1.71 6.96 28.71
CA ALA A 472 0.84 5.84 29.04
C ALA A 472 0.90 4.81 27.92
N ASP A 473 0.33 3.62 28.17
CA ASP A 473 0.33 2.55 27.19
C ASP A 473 -0.33 2.98 25.88
N LYS A 474 -1.53 3.55 25.98
CA LYS A 474 -2.31 3.88 24.79
C LYS A 474 -2.05 5.31 24.30
N VAL A 475 -1.05 5.97 24.86
CA VAL A 475 -0.68 7.32 24.43
C VAL A 475 0.62 7.32 23.65
N PHE A 476 0.56 7.76 22.39
CA PHE A 476 1.74 7.81 21.54
C PHE A 476 2.21 9.24 21.40
N ALA A 477 3.39 9.54 21.95
CA ALA A 477 3.92 10.90 21.91
C ALA A 477 5.41 10.90 21.59
N TYR A 478 5.83 11.79 20.69
CA TYR A 478 7.26 11.86 20.35
C TYR A 478 7.72 13.28 20.02
N LEU A 479 9.04 13.43 19.88
CA LEU A 479 9.66 14.70 19.54
C LEU A 479 10.43 14.60 18.22
N ARG A 480 10.22 15.56 17.33
CA ARG A 480 11.08 15.76 16.19
C ARG A 480 12.02 16.92 16.52
N LYS A 481 13.31 16.61 16.67
CA LYS A 481 14.28 17.63 17.06
C LYS A 481 15.28 17.92 15.96
N VAL A 482 15.47 19.20 15.66
CA VAL A 482 16.49 19.61 14.71
C VAL A 482 16.95 21.05 15.00
N ARG A 483 18.24 21.20 15.29
CA ARG A 483 18.81 22.49 15.69
C ARG A 483 18.07 23.06 16.91
N GLU A 484 17.69 24.32 16.81
CA GLU A 484 16.90 24.97 17.86
C GLU A 484 15.49 24.38 17.95
N GLU A 485 15.01 23.87 16.82
CA GLU A 485 13.61 23.46 16.70
C GLU A 485 13.29 22.15 17.41
N ARG A 486 12.17 22.15 18.10
CA ARG A 486 11.69 20.99 18.86
C ARG A 486 10.18 20.87 18.72
N TYR A 487 9.73 19.82 18.03
CA TYR A 487 8.31 19.64 17.75
C TYR A 487 7.72 18.46 18.52
N LEU A 488 6.67 18.72 19.28
CA LEU A 488 6.01 17.70 20.06
C LEU A 488 4.75 17.20 19.37
N ILE A 489 4.68 15.89 19.15
CA ILE A 489 3.50 15.26 18.58
C ILE A 489 2.84 14.37 19.62
N VAL A 490 1.57 14.64 19.92
CA VAL A 490 0.84 13.89 20.94
C VAL A 490 -0.46 13.33 20.40
N VAL A 491 -0.59 12.01 20.46
CA VAL A 491 -1.76 11.32 19.92
C VAL A 491 -2.31 10.29 20.91
N ASN A 492 -3.59 10.45 21.25
CA ASN A 492 -4.27 9.48 22.11
C ASN A 492 -4.83 8.35 21.26
N VAL A 493 -4.17 7.19 21.30
CA VAL A 493 -4.62 6.03 20.54
C VAL A 493 -5.55 5.19 21.39
N SER A 494 -6.68 5.77 21.78
CA SER A 494 -7.62 5.12 22.69
C SER A 494 -9.04 5.66 22.55
N ASP A 495 -9.99 4.86 23.01
CA ASP A 495 -11.40 5.26 23.05
C ASP A 495 -11.72 5.92 24.38
N GLN A 496 -10.74 5.89 25.29
CA GLN A 496 -10.94 6.37 26.65
C GLN A 496 -10.06 7.57 26.99
N GLU A 497 -10.51 8.33 27.98
CA GLU A 497 -9.74 9.46 28.48
C GLU A 497 -8.43 8.97 29.07
N GLU A 498 -7.32 9.49 28.55
CA GLU A 498 -6.00 9.05 29.01
C GLU A 498 -5.24 10.17 29.71
N VAL A 499 -4.08 9.83 30.27
CA VAL A 499 -3.33 10.78 31.06
C VAL A 499 -2.16 11.38 30.25
N LEU A 500 -1.86 12.65 30.54
CA LEU A 500 -0.76 13.35 29.90
C LEU A 500 0.05 14.11 30.95
N GLU A 501 0.98 13.43 31.59
CA GLU A 501 1.78 14.02 32.66
C GLU A 501 3.03 14.71 32.12
N ILE A 502 2.83 15.86 31.48
CA ILE A 502 3.95 16.61 30.91
C ILE A 502 3.67 18.12 30.95
N ASP A 503 4.75 18.90 31.07
CA ASP A 503 4.65 20.35 31.02
C ASP A 503 5.58 20.90 29.94
N VAL A 504 5.02 21.65 29.01
CA VAL A 504 5.78 22.24 27.92
C VAL A 504 5.36 23.68 27.65
N ASP A 505 6.28 24.45 27.07
CA ASP A 505 5.97 25.82 26.68
C ASP A 505 5.61 25.85 25.20
N LYS A 506 4.32 25.88 24.91
CA LYS A 506 3.84 25.83 23.54
C LYS A 506 4.04 27.17 22.83
N GLN A 507 4.78 27.14 21.72
CA GLN A 507 5.07 28.34 20.96
C GLN A 507 4.04 28.59 19.87
N GLU A 508 3.59 27.51 19.24
CA GLU A 508 2.54 27.58 18.22
C GLU A 508 1.98 26.20 17.91
N THR A 509 0.82 26.18 17.27
CA THR A 509 0.16 24.93 16.89
C THR A 509 0.25 24.71 15.39
N LEU A 510 0.80 23.56 15.00
CA LEU A 510 0.95 23.23 13.59
C LEU A 510 -0.28 22.50 13.06
N ILE A 511 -0.83 21.60 13.88
CA ILE A 511 -2.07 20.91 13.54
C ILE A 511 -2.71 20.32 14.79
N SER A 512 -4.05 20.34 14.83
CA SER A 512 -4.78 19.84 15.99
C SER A 512 -6.23 19.50 15.63
N ASN A 513 -6.72 18.37 16.11
CA ASN A 513 -8.11 17.98 15.87
C ASN A 513 -8.96 18.22 17.12
N THR A 514 -8.39 18.95 18.07
CA THR A 514 -9.04 19.20 19.35
C THR A 514 -8.45 20.43 20.01
N ASN A 515 -8.85 20.69 21.24
CA ASN A 515 -8.29 21.80 22.01
C ASN A 515 -7.01 21.36 22.73
N GLU A 516 -5.88 21.60 22.09
CA GLU A 516 -4.58 21.19 22.63
C GLU A 516 -4.23 21.96 23.91
N SER A 517 -4.73 23.19 24.02
CA SER A 517 -4.52 23.99 25.21
C SER A 517 -5.15 23.33 26.43
N ALA A 518 -6.36 22.81 26.24
CA ALA A 518 -7.07 22.11 27.30
C ALA A 518 -6.30 20.88 27.77
N ALA A 519 -5.79 20.11 26.81
CA ALA A 519 -5.06 18.89 27.10
C ALA A 519 -3.75 19.18 27.82
N LEU A 520 -3.03 20.19 27.35
CA LEU A 520 -1.79 20.60 28.01
C LEU A 520 -2.05 21.10 29.42
N ALA A 521 -3.15 21.83 29.60
CA ALA A 521 -3.47 22.44 30.88
C ALA A 521 -3.91 21.41 31.93
N ASN A 522 -4.91 20.60 31.57
CA ASN A 522 -5.49 19.67 32.53
C ASN A 522 -4.73 18.34 32.61
N HIS A 523 -3.63 18.25 31.87
CA HIS A 523 -2.71 17.11 31.92
C HIS A 523 -3.37 15.76 31.62
N LYS A 524 -4.49 15.78 30.91
CA LYS A 524 -5.16 14.56 30.49
C LYS A 524 -5.85 14.73 29.14
N LEU A 525 -5.85 13.67 28.35
CA LEU A 525 -6.33 13.72 26.98
C LEU A 525 -7.70 13.09 26.80
N GLN A 526 -8.52 13.65 25.92
CA GLN A 526 -9.78 13.05 25.53
C GLN A 526 -9.51 11.95 24.50
N PRO A 527 -10.46 11.02 24.33
CA PRO A 527 -10.27 9.93 23.36
C PRO A 527 -9.95 10.43 21.94
N TRP A 528 -8.87 9.88 21.38
CA TRP A 528 -8.42 10.18 20.02
C TRP A 528 -7.96 11.63 19.82
N ASP A 529 -7.57 12.27 20.93
CA ASP A 529 -6.98 13.60 20.86
C ASP A 529 -5.61 13.55 20.18
N ALA A 530 -5.37 14.48 19.26
CA ALA A 530 -4.11 14.50 18.54
C ALA A 530 -3.71 15.91 18.11
N PHE A 531 -2.46 16.25 18.34
CA PHE A 531 -1.95 17.54 17.91
C PHE A 531 -0.43 17.56 17.79
N CYS A 532 0.06 18.56 17.06
CA CYS A 532 1.48 18.81 16.97
C CYS A 532 1.76 20.27 17.27
N ILE A 533 2.64 20.51 18.24
CA ILE A 533 2.95 21.87 18.66
C ILE A 533 4.45 22.11 18.65
N LYS A 534 4.86 23.35 18.43
CA LYS A 534 6.27 23.70 18.53
C LYS A 534 6.57 24.12 19.95
N ILE A 535 7.54 23.48 20.59
CA ILE A 535 7.87 23.75 21.98
C ILE A 535 9.29 24.29 22.15
N LEU A 536 9.53 24.94 23.29
CA LEU A 536 10.82 25.52 23.58
C LEU A 536 11.69 24.58 24.41
#